data_5UEO
#
_entry.id   5UEO
#
_cell.length_a   55.003
_cell.length_b   64.954
_cell.length_c   75.453
_cell.angle_alpha   90.00
_cell.angle_beta   90.00
_cell.angle_gamma   90.00
#
_symmetry.space_group_name_H-M   'P 21 21 21'
#
loop_
_entity.id
_entity.type
_entity.pdbx_description
1 polymer 'Bromodomain-containing protein 4'
2 non-polymer N-[4-(2,4-difluorophenoxy)-3-(1-methyl-7-oxo-6,7-dihydro-1H-pyrrolo[2,3-c]pyridin-3-yl)phenyl]ethanesulfonamide
3 water water
#
_entity_poly.entity_id   1
_entity_poly.type   'polypeptide(L)'
_entity_poly.pdbx_seq_one_letter_code
;SHMEQLKCCSGILKEMFAKKHAAYAWPFYKPVDVEALGLHDYCDIIKHPMDMSTIKSKLEAREYRDAQEFGADVRLMFSN
CYKYNPPDHEVVAMARKLQDVFEMRFAKM
;
_entity_poly.pdbx_strand_id   A,B
#
loop_
_chem_comp.id
_chem_comp.type
_chem_comp.name
_chem_comp.formula
87G non-polymer N-[4-(2,4-difluorophenoxy)-3-(1-methyl-7-oxo-6,7-dihydro-1H-pyrrolo[2,3-c]pyridin-3-yl)phenyl]ethanesulfonamide 'C22 H19 F2 N3 O4 S'
#
# COMPACT_ATOMS: atom_id res chain seq x y z
N HIS A 2 3.12 3.49 21.44
CA HIS A 2 3.57 4.59 20.57
C HIS A 2 5.09 4.74 20.56
N MET A 3 5.72 4.82 21.74
CA MET A 3 7.19 4.97 21.88
C MET A 3 7.96 3.77 21.28
N GLU A 4 7.54 2.52 21.61
CA GLU A 4 8.16 1.30 21.09
C GLU A 4 7.77 1.08 19.62
N GLN A 5 6.57 1.54 19.25
CA GLN A 5 6.01 1.50 17.90
C GLN A 5 6.87 2.38 16.98
N LEU A 6 7.23 3.59 17.44
CA LEU A 6 8.05 4.54 16.68
C LEU A 6 9.49 4.04 16.52
N LYS A 7 9.97 3.26 17.50
CA LYS A 7 11.29 2.62 17.45
C LYS A 7 11.22 1.53 16.36
N CYS A 8 10.10 0.77 16.29
CA CYS A 8 9.91 -0.25 15.27
C CYS A 8 9.88 0.39 13.84
N CYS A 9 9.24 1.57 13.69
CA CYS A 9 9.16 2.33 12.43
C CYS A 9 10.57 2.74 11.98
N SER A 10 11.46 3.15 12.94
CA SER A 10 12.87 3.45 12.61
C SER A 10 13.57 2.19 12.05
N GLY A 11 13.24 1.02 12.60
CA GLY A 11 13.77 -0.26 12.15
C GLY A 11 13.36 -0.56 10.71
N ILE A 12 12.07 -0.32 10.38
CA ILE A 12 11.50 -0.51 9.03
C ILE A 12 12.21 0.42 8.04
N LEU A 13 12.29 1.71 8.36
CA LEU A 13 12.99 2.67 7.50
C LEU A 13 14.48 2.30 7.32
N LYS A 14 15.15 1.84 8.41
CA LYS A 14 16.55 1.42 8.32
C LYS A 14 16.69 0.24 7.32
N GLU A 15 15.72 -0.68 7.32
CA GLU A 15 15.76 -1.80 6.39
C GLU A 15 15.55 -1.32 4.98
N MET A 16 14.67 -0.33 4.81
CA MET A 16 14.44 0.23 3.47
C MET A 16 15.72 0.90 2.92
N PHE A 17 16.57 1.45 3.82
CA PHE A 17 17.84 2.06 3.44
C PHE A 17 18.99 1.05 3.29
N ALA A 18 18.76 -0.24 3.64
CA ALA A 18 19.77 -1.28 3.62
C ALA A 18 20.34 -1.56 2.23
N LYS A 19 21.64 -1.94 2.17
CA LYS A 19 22.31 -2.24 0.89
C LYS A 19 21.59 -3.23 -0.02
N LYS A 20 20.95 -4.30 0.53
CA LYS A 20 20.30 -5.31 -0.33
C LYS A 20 19.12 -4.79 -1.16
N HIS A 21 18.57 -3.63 -0.78
CA HIS A 21 17.44 -3.04 -1.52
C HIS A 21 17.87 -1.84 -2.38
N ALA A 22 19.17 -1.46 -2.33
CA ALA A 22 19.70 -0.26 -2.99
C ALA A 22 19.39 -0.14 -4.47
N ALA A 23 19.41 -1.25 -5.23
CA ALA A 23 19.18 -1.22 -6.67
C ALA A 23 17.79 -0.69 -7.04
N TYR A 24 16.80 -0.84 -6.15
CA TYR A 24 15.46 -0.31 -6.44
C TYR A 24 15.06 0.81 -5.47
N ALA A 25 15.72 0.92 -4.32
CA ALA A 25 15.36 1.95 -3.35
C ALA A 25 16.00 3.31 -3.59
N TRP A 26 17.19 3.39 -4.25
CA TRP A 26 17.96 4.61 -4.37
C TRP A 26 17.18 5.85 -4.88
N PRO A 27 16.19 5.77 -5.82
CA PRO A 27 15.49 7.01 -6.24
C PRO A 27 14.63 7.61 -5.13
N PHE A 28 14.38 6.83 -4.06
CA PHE A 28 13.54 7.27 -2.94
C PHE A 28 14.33 7.78 -1.72
N TYR A 29 15.66 7.72 -1.78
CA TYR A 29 16.53 8.12 -0.67
C TYR A 29 16.43 9.59 -0.26
N LYS A 30 16.19 10.49 -1.22
CA LYS A 30 16.16 11.93 -1.03
C LYS A 30 15.00 12.54 -1.82
N PRO A 31 14.60 13.82 -1.56
CA PRO A 31 13.52 14.42 -2.35
C PRO A 31 13.80 14.37 -3.84
N VAL A 32 12.74 14.24 -4.64
CA VAL A 32 12.84 14.28 -6.11
C VAL A 32 13.40 15.69 -6.44
N ASP A 33 14.54 15.75 -7.14
CA ASP A 33 15.18 17.03 -7.51
C ASP A 33 14.57 17.45 -8.85
N VAL A 34 13.41 18.12 -8.76
CA VAL A 34 12.59 18.50 -9.93
C VAL A 34 13.40 19.32 -10.96
N GLU A 35 14.27 20.23 -10.48
CA GLU A 35 15.11 21.08 -11.32
C GLU A 35 16.18 20.29 -12.06
N ALA A 36 16.97 19.48 -11.35
CA ALA A 36 18.03 18.67 -11.97
C ALA A 36 17.48 17.65 -12.95
N LEU A 37 16.30 17.06 -12.63
CA LEU A 37 15.66 16.06 -13.48
C LEU A 37 14.81 16.64 -14.61
N GLY A 38 14.55 17.95 -14.56
CA GLY A 38 13.73 18.63 -15.55
C GLY A 38 12.28 18.20 -15.57
N LEU A 39 11.69 17.94 -14.37
CA LEU A 39 10.28 17.53 -14.22
C LEU A 39 9.48 18.79 -13.93
N HIS A 40 9.26 19.60 -14.98
CA HIS A 40 8.62 20.92 -14.94
C HIS A 40 7.18 20.93 -14.44
N ASP A 41 6.44 19.80 -14.54
CA ASP A 41 5.07 19.70 -14.04
C ASP A 41 4.93 18.92 -12.71
N TYR A 42 6.05 18.44 -12.13
CA TYR A 42 6.02 17.63 -10.89
C TYR A 42 5.26 18.28 -9.72
N CYS A 43 5.58 19.55 -9.40
CA CYS A 43 4.97 20.31 -8.30
C CYS A 43 3.53 20.61 -8.53
N ASP A 44 3.11 20.67 -9.79
CA ASP A 44 1.72 20.91 -10.16
C ASP A 44 0.88 19.63 -9.90
N ILE A 45 1.45 18.43 -10.16
CA ILE A 45 0.75 17.16 -9.98
C ILE A 45 0.86 16.64 -8.53
N ILE A 46 2.06 16.75 -7.95
CA ILE A 46 2.39 16.29 -6.59
C ILE A 46 2.43 17.45 -5.63
N LYS A 47 1.32 17.62 -4.88
CA LYS A 47 1.18 18.71 -3.90
C LYS A 47 1.93 18.42 -2.62
N HIS A 48 2.13 17.13 -2.29
CA HIS A 48 2.82 16.72 -1.06
C HIS A 48 3.98 15.76 -1.32
N PRO A 49 5.15 16.26 -1.78
CA PRO A 49 6.30 15.36 -2.03
C PRO A 49 6.77 14.70 -0.74
N MET A 50 7.23 13.47 -0.86
CA MET A 50 7.74 12.73 0.29
C MET A 50 8.87 11.82 -0.17
N ASP A 51 9.83 11.58 0.72
CA ASP A 51 10.98 10.72 0.43
C ASP A 51 11.49 10.15 1.75
N MET A 52 12.41 9.18 1.67
CA MET A 52 12.95 8.50 2.84
C MET A 52 13.77 9.37 3.80
N SER A 53 14.55 10.35 3.29
CA SER A 53 15.32 11.25 4.14
C SER A 53 14.40 12.14 4.95
N THR A 54 13.29 12.60 4.33
CA THR A 54 12.30 13.46 5.00
C THR A 54 11.59 12.66 6.12
N ILE A 55 11.24 11.40 5.84
CA ILE A 55 10.61 10.50 6.83
C ILE A 55 11.60 10.28 7.98
N LYS A 56 12.88 10.01 7.65
CA LYS A 56 13.91 9.81 8.68
C LYS A 56 14.01 11.07 9.61
N SER A 57 14.00 12.28 9.01
CA SER A 57 14.05 13.54 9.77
C SER A 57 12.82 13.75 10.64
N LYS A 58 11.62 13.40 10.13
CA LYS A 58 10.35 13.49 10.87
C LYS A 58 10.34 12.52 12.07
N LEU A 59 10.87 11.28 11.88
CA LEU A 59 11.01 10.29 12.97
C LEU A 59 11.99 10.83 14.05
N GLU A 60 13.15 11.37 13.63
CA GLU A 60 14.14 11.94 14.56
C GLU A 60 13.60 13.17 15.30
N ALA A 61 12.76 13.98 14.64
CA ALA A 61 12.15 15.17 15.25
C ALA A 61 10.90 14.83 16.05
N ARG A 62 10.52 13.54 16.10
CA ARG A 62 9.35 13.01 16.79
C ARG A 62 8.06 13.63 16.31
N GLU A 63 7.99 13.83 15.00
CA GLU A 63 6.81 14.40 14.37
C GLU A 63 5.70 13.38 14.15
N TYR A 64 6.01 12.07 14.18
CA TYR A 64 4.94 11.07 14.00
C TYR A 64 4.33 10.72 15.34
N ARG A 65 3.01 10.78 15.46
CA ARG A 65 2.27 10.42 16.67
C ARG A 65 2.36 8.92 16.92
N ASP A 66 2.24 8.13 15.84
CA ASP A 66 2.18 6.68 15.91
C ASP A 66 2.63 6.06 14.57
N ALA A 67 2.60 4.70 14.50
CA ALA A 67 2.93 3.90 13.31
C ALA A 67 2.05 4.26 12.11
N GLN A 68 0.76 4.58 12.35
CA GLN A 68 -0.17 4.91 11.27
C GLN A 68 0.28 6.18 10.55
N GLU A 69 0.74 7.21 11.29
CA GLU A 69 1.20 8.46 10.71
C GLU A 69 2.48 8.24 9.89
N PHE A 70 3.43 7.44 10.42
CA PHE A 70 4.67 7.05 9.72
C PHE A 70 4.30 6.31 8.41
N GLY A 71 3.44 5.29 8.52
CA GLY A 71 2.96 4.49 7.40
C GLY A 71 2.27 5.30 6.32
N ALA A 72 1.52 6.36 6.72
CA ALA A 72 0.85 7.24 5.77
C ALA A 72 1.87 8.01 4.93
N ASP A 73 2.99 8.45 5.53
CA ASP A 73 4.05 9.16 4.78
C ASP A 73 4.79 8.21 3.84
N VAL A 74 5.05 6.98 4.30
CA VAL A 74 5.69 5.97 3.43
C VAL A 74 4.77 5.70 2.22
N ARG A 75 3.47 5.46 2.48
CA ARG A 75 2.51 5.24 1.40
C ARG A 75 2.34 6.44 0.48
N LEU A 76 2.48 7.69 1.02
CA LEU A 76 2.44 8.94 0.24
C LEU A 76 3.62 8.97 -0.74
N MET A 77 4.82 8.60 -0.29
CA MET A 77 6.02 8.55 -1.15
C MET A 77 5.73 7.65 -2.36
N PHE A 78 5.21 6.43 -2.11
CA PHE A 78 4.88 5.47 -3.17
C PHE A 78 3.74 5.98 -4.05
N SER A 79 2.66 6.49 -3.42
CA SER A 79 1.49 7.03 -4.14
C SER A 79 1.89 8.15 -5.10
N ASN A 80 2.80 9.05 -4.67
CA ASN A 80 3.31 10.16 -5.51
C ASN A 80 3.92 9.62 -6.77
N CYS A 81 4.71 8.55 -6.62
CA CYS A 81 5.38 7.88 -7.73
C CYS A 81 4.35 7.25 -8.69
N TYR A 82 3.34 6.55 -8.15
CA TYR A 82 2.30 5.95 -8.98
C TYR A 82 1.43 6.99 -9.66
N LYS A 83 1.17 8.12 -8.98
CA LYS A 83 0.33 9.19 -9.52
C LYS A 83 1.02 9.93 -10.69
N TYR A 84 2.28 10.37 -10.46
CA TYR A 84 3.03 11.18 -11.41
C TYR A 84 3.41 10.48 -12.71
N ASN A 85 3.92 9.26 -12.61
CA ASN A 85 4.47 8.53 -13.72
C ASN A 85 3.52 7.65 -14.47
N PRO A 86 3.79 7.40 -15.77
CA PRO A 86 2.99 6.40 -16.51
C PRO A 86 3.25 5.02 -15.87
N PRO A 87 2.23 4.12 -15.89
CA PRO A 87 2.38 2.80 -15.24
C PRO A 87 3.58 1.96 -15.65
N ASP A 88 4.08 2.12 -16.88
CA ASP A 88 5.22 1.35 -17.40
C ASP A 88 6.59 1.93 -17.04
N HIS A 89 6.64 3.11 -16.36
CA HIS A 89 7.90 3.76 -16.00
C HIS A 89 8.74 2.87 -15.09
N GLU A 90 10.05 2.79 -15.33
CA GLU A 90 10.96 1.95 -14.52
C GLU A 90 10.94 2.34 -13.04
N VAL A 91 10.78 3.65 -12.74
CA VAL A 91 10.79 4.07 -11.33
C VAL A 91 9.54 3.53 -10.57
N VAL A 92 8.44 3.32 -11.29
CA VAL A 92 7.21 2.75 -10.71
C VAL A 92 7.47 1.28 -10.33
N ALA A 93 8.19 0.54 -11.21
CA ALA A 93 8.57 -0.86 -10.95
C ALA A 93 9.45 -0.91 -9.67
N MET A 94 10.38 0.05 -9.55
CA MET A 94 11.27 0.12 -8.38
C MET A 94 10.47 0.45 -7.10
N ALA A 95 9.52 1.40 -7.18
CA ALA A 95 8.66 1.77 -6.06
C ALA A 95 7.89 0.53 -5.54
N ARG A 96 7.33 -0.29 -6.46
CA ARG A 96 6.58 -1.50 -6.04
C ARG A 96 7.48 -2.48 -5.32
N LYS A 97 8.75 -2.65 -5.78
CA LYS A 97 9.69 -3.55 -5.15
C LYS A 97 10.02 -3.04 -3.73
N LEU A 98 10.15 -1.72 -3.57
CA LEU A 98 10.44 -1.16 -2.25
C LEU A 98 9.20 -1.23 -1.37
N GLN A 99 8.00 -1.01 -1.96
CA GLN A 99 6.76 -1.14 -1.21
C GLN A 99 6.55 -2.57 -0.68
N ASP A 100 7.01 -3.63 -1.43
CA ASP A 100 6.96 -5.06 -0.99
C ASP A 100 7.64 -5.15 0.38
N VAL A 101 8.85 -4.54 0.50
CA VAL A 101 9.68 -4.55 1.71
C VAL A 101 8.90 -3.91 2.88
N PHE A 102 8.40 -2.68 2.62
CA PHE A 102 7.68 -1.92 3.62
C PHE A 102 6.41 -2.63 4.11
N GLU A 103 5.55 -3.06 3.19
CA GLU A 103 4.26 -3.67 3.54
C GLU A 103 4.44 -4.92 4.41
N MET A 104 5.44 -5.76 4.13
CA MET A 104 5.69 -6.97 4.91
C MET A 104 5.97 -6.56 6.37
N ARG A 105 6.92 -5.64 6.56
CA ARG A 105 7.37 -5.18 7.89
C ARG A 105 6.27 -4.43 8.64
N PHE A 106 5.58 -3.54 7.95
CA PHE A 106 4.52 -2.74 8.54
C PHE A 106 3.36 -3.62 9.04
N ALA A 107 3.01 -4.68 8.29
CA ALA A 107 1.92 -5.55 8.68
C ALA A 107 2.26 -6.42 9.87
N LYS A 108 3.53 -6.71 10.09
CA LYS A 108 3.98 -7.61 11.14
C LYS A 108 4.44 -6.92 12.43
N MET A 109 4.34 -5.59 12.46
CA MET A 109 4.79 -4.84 13.64
C MET A 109 3.77 -4.82 14.79
N SER B 1 -18.88 16.60 -3.16
CA SER B 1 -19.47 15.28 -3.00
C SER B 1 -18.47 14.17 -2.99
N HIS B 2 -18.97 13.05 -2.44
CA HIS B 2 -18.36 11.76 -2.25
C HIS B 2 -18.84 10.80 -3.36
N MET B 3 -20.02 11.08 -3.99
CA MET B 3 -20.60 10.28 -5.08
C MET B 3 -19.62 10.02 -6.24
N GLU B 4 -18.88 11.05 -6.67
CA GLU B 4 -17.89 10.89 -7.74
C GLU B 4 -16.72 10.01 -7.27
N GLN B 5 -16.26 10.21 -6.04
CA GLN B 5 -15.15 9.42 -5.48
C GLN B 5 -15.52 7.93 -5.37
N LEU B 6 -16.73 7.66 -4.88
CA LEU B 6 -17.28 6.33 -4.72
C LEU B 6 -17.51 5.63 -6.04
N LYS B 7 -17.86 6.42 -7.10
CA LYS B 7 -17.97 5.91 -8.46
C LYS B 7 -16.55 5.46 -8.89
N CYS B 8 -15.52 6.28 -8.60
CA CYS B 8 -14.15 5.86 -8.95
C CYS B 8 -13.73 4.62 -8.15
N CYS B 9 -14.14 4.50 -6.88
CA CYS B 9 -13.84 3.30 -6.07
C CYS B 9 -14.44 2.04 -6.69
N SER B 10 -15.68 2.15 -7.24
CA SER B 10 -16.32 1.01 -7.92
C SER B 10 -15.52 0.60 -9.18
N GLY B 11 -14.98 1.58 -9.89
CA GLY B 11 -14.15 1.36 -11.06
C GLY B 11 -12.88 0.59 -10.72
N ILE B 12 -12.22 0.99 -9.62
CA ILE B 12 -11.00 0.33 -9.11
C ILE B 12 -11.30 -1.11 -8.74
N LEU B 13 -12.34 -1.33 -7.92
CA LEU B 13 -12.72 -2.67 -7.52
C LEU B 13 -13.08 -3.54 -8.74
N LYS B 14 -13.78 -2.95 -9.73
CA LYS B 14 -14.13 -3.68 -10.97
C LYS B 14 -12.85 -4.14 -11.69
N GLU B 15 -11.85 -3.26 -11.81
CA GLU B 15 -10.54 -3.59 -12.40
C GLU B 15 -9.89 -4.75 -11.61
N MET B 16 -9.99 -4.71 -10.27
CA MET B 16 -9.40 -5.78 -9.45
C MET B 16 -10.08 -7.13 -9.69
N PHE B 17 -11.38 -7.10 -10.02
CA PHE B 17 -12.15 -8.33 -10.32
C PHE B 17 -12.02 -8.75 -11.79
N ALA B 18 -11.36 -7.95 -12.65
CA ALA B 18 -11.24 -8.18 -14.10
C ALA B 18 -10.48 -9.46 -14.42
N LYS B 19 -10.87 -10.14 -15.51
CA LYS B 19 -10.27 -11.41 -15.92
C LYS B 19 -8.75 -11.35 -16.07
N LYS B 20 -8.21 -10.23 -16.56
CA LYS B 20 -6.77 -10.09 -16.78
C LYS B 20 -5.91 -10.26 -15.49
N HIS B 21 -6.49 -10.06 -14.28
CA HIS B 21 -5.80 -10.17 -12.96
C HIS B 21 -6.21 -11.43 -12.17
N ALA B 22 -7.10 -12.27 -12.73
CA ALA B 22 -7.66 -13.45 -12.09
C ALA B 22 -6.64 -14.46 -11.56
N ALA B 23 -5.52 -14.65 -12.27
CA ALA B 23 -4.51 -15.62 -11.84
C ALA B 23 -3.89 -15.31 -10.47
N TYR B 24 -3.87 -14.03 -10.05
CA TYR B 24 -3.37 -13.67 -8.74
C TYR B 24 -4.44 -13.09 -7.81
N ALA B 25 -5.55 -12.61 -8.37
CA ALA B 25 -6.61 -12.02 -7.56
C ALA B 25 -7.59 -13.01 -6.94
N TRP B 26 -7.79 -14.21 -7.57
CA TRP B 26 -8.84 -15.14 -7.17
C TRP B 26 -8.88 -15.50 -5.65
N PRO B 27 -7.74 -15.63 -4.88
CA PRO B 27 -7.87 -15.97 -3.45
C PRO B 27 -8.51 -14.83 -2.63
N PHE B 28 -8.61 -13.63 -3.22
CA PHE B 28 -9.13 -12.43 -2.53
C PHE B 28 -10.57 -12.10 -2.88
N TYR B 29 -11.18 -12.88 -3.80
CA TYR B 29 -12.55 -12.66 -4.25
C TYR B 29 -13.62 -12.78 -3.16
N LYS B 30 -13.42 -13.65 -2.15
CA LYS B 30 -14.38 -13.95 -1.10
C LYS B 30 -13.66 -14.08 0.25
N PRO B 31 -14.37 -14.06 1.41
CA PRO B 31 -13.68 -14.21 2.70
C PRO B 31 -12.85 -15.48 2.77
N VAL B 32 -11.73 -15.42 3.49
CA VAL B 32 -10.84 -16.56 3.71
C VAL B 32 -11.70 -17.62 4.40
N ASP B 33 -11.79 -18.83 3.82
CA ASP B 33 -12.57 -19.93 4.38
C ASP B 33 -11.69 -20.67 5.38
N VAL B 34 -11.64 -20.16 6.62
CA VAL B 34 -10.77 -20.65 7.69
C VAL B 34 -10.96 -22.16 7.95
N GLU B 35 -12.20 -22.65 7.89
CA GLU B 35 -12.54 -24.06 8.12
C GLU B 35 -12.03 -24.97 6.99
N ALA B 36 -12.33 -24.64 5.72
CA ALA B 36 -11.90 -25.43 4.58
C ALA B 36 -10.39 -25.45 4.43
N LEU B 37 -9.72 -24.33 4.77
CA LEU B 37 -8.27 -24.20 4.67
C LEU B 37 -7.53 -24.73 5.91
N GLY B 38 -8.26 -25.00 6.99
CA GLY B 38 -7.66 -25.48 8.23
C GLY B 38 -6.76 -24.47 8.92
N LEU B 39 -7.14 -23.17 8.87
CA LEU B 39 -6.37 -22.10 9.48
C LEU B 39 -6.97 -21.83 10.85
N HIS B 40 -6.70 -22.75 11.79
CA HIS B 40 -7.26 -22.78 13.15
C HIS B 40 -6.97 -21.53 14.00
N ASP B 41 -5.87 -20.81 13.73
CA ASP B 41 -5.49 -19.61 14.46
C ASP B 41 -5.75 -18.29 13.69
N TYR B 42 -6.34 -18.36 12.49
CA TYR B 42 -6.60 -17.18 11.65
C TYR B 42 -7.37 -16.06 12.37
N CYS B 43 -8.53 -16.39 12.99
CA CYS B 43 -9.38 -15.44 13.72
C CYS B 43 -8.72 -14.86 14.96
N ASP B 44 -7.76 -15.59 15.52
CA ASP B 44 -7.01 -15.13 16.67
C ASP B 44 -5.95 -14.07 16.25
N ILE B 45 -5.33 -14.23 15.07
CA ILE B 45 -4.32 -13.29 14.55
C ILE B 45 -4.95 -12.10 13.81
N ILE B 46 -5.98 -12.40 13.00
CA ILE B 46 -6.70 -11.43 12.16
C ILE B 46 -8.03 -11.08 12.81
N LYS B 47 -8.07 -9.93 13.49
CA LYS B 47 -9.25 -9.45 14.20
C LYS B 47 -10.28 -8.86 13.25
N HIS B 48 -9.82 -8.33 12.09
CA HIS B 48 -10.70 -7.71 11.10
C HIS B 48 -10.51 -8.28 9.70
N PRO B 49 -11.08 -9.47 9.41
CA PRO B 49 -10.94 -10.04 8.06
C PRO B 49 -11.60 -9.16 6.99
N MET B 50 -11.02 -9.16 5.79
CA MET B 50 -11.56 -8.36 4.71
C MET B 50 -11.27 -9.05 3.39
N ASP B 51 -12.18 -8.88 2.42
CA ASP B 51 -12.04 -9.47 1.10
C ASP B 51 -12.78 -8.59 0.09
N MET B 52 -12.62 -8.89 -1.19
CA MET B 52 -13.19 -8.08 -2.27
C MET B 52 -14.72 -8.11 -2.35
N SER B 53 -15.36 -9.26 -2.03
CA SER B 53 -16.84 -9.35 -2.04
C SER B 53 -17.43 -8.49 -0.94
N THR B 54 -16.77 -8.47 0.24
CA THR B 54 -17.22 -7.65 1.38
C THR B 54 -17.11 -6.16 1.04
N ILE B 55 -15.99 -5.76 0.39
CA ILE B 55 -15.77 -4.36 -0.04
C ILE B 55 -16.83 -4.01 -1.08
N LYS B 56 -17.09 -4.92 -2.04
CA LYS B 56 -18.13 -4.67 -3.07
C LYS B 56 -19.50 -4.43 -2.40
N SER B 57 -19.86 -5.24 -1.38
CA SER B 57 -21.12 -5.11 -0.65
C SER B 57 -21.20 -3.79 0.12
N LYS B 58 -20.08 -3.37 0.77
CA LYS B 58 -20.00 -2.11 1.50
C LYS B 58 -20.14 -0.90 0.55
N LEU B 59 -19.53 -0.96 -0.66
CA LEU B 59 -19.66 0.07 -1.70
C LEU B 59 -21.13 0.17 -2.19
N GLU B 60 -21.76 -0.99 -2.45
CA GLU B 60 -23.17 -1.04 -2.88
C GLU B 60 -24.12 -0.53 -1.80
N ALA B 61 -23.82 -0.82 -0.53
CA ALA B 61 -24.62 -0.38 0.62
C ALA B 61 -24.32 1.08 1.01
N ARG B 62 -23.39 1.74 0.26
CA ARG B 62 -22.97 3.13 0.46
C ARG B 62 -22.40 3.34 1.87
N GLU B 63 -21.66 2.32 2.39
CA GLU B 63 -21.03 2.36 3.72
C GLU B 63 -19.72 3.15 3.77
N TYR B 64 -19.09 3.39 2.61
CA TYR B 64 -17.86 4.16 2.61
C TYR B 64 -18.21 5.64 2.45
N ARG B 65 -17.78 6.47 3.40
CA ARG B 65 -18.06 7.92 3.33
C ARG B 65 -17.26 8.58 2.19
N ASP B 66 -16.07 8.03 1.90
CA ASP B 66 -15.14 8.58 0.91
C ASP B 66 -14.17 7.51 0.39
N ALA B 67 -13.29 7.89 -0.56
CA ALA B 67 -12.29 7.00 -1.16
C ALA B 67 -11.27 6.52 -0.12
N GLN B 68 -10.97 7.36 0.90
CA GLN B 68 -9.98 6.96 1.92
C GLN B 68 -10.48 5.78 2.77
N GLU B 69 -11.79 5.75 3.10
CA GLU B 69 -12.39 4.65 3.83
C GLU B 69 -12.39 3.35 2.99
N PHE B 70 -12.70 3.45 1.68
CA PHE B 70 -12.64 2.33 0.72
C PHE B 70 -11.17 1.80 0.66
N GLY B 71 -10.21 2.71 0.45
CA GLY B 71 -8.78 2.39 0.39
C GLY B 71 -8.25 1.72 1.63
N ALA B 72 -8.78 2.12 2.81
CA ALA B 72 -8.37 1.52 4.09
C ALA B 72 -8.79 0.05 4.15
N ASP B 73 -10.00 -0.29 3.64
CA ASP B 73 -10.47 -1.68 3.63
C ASP B 73 -9.68 -2.53 2.64
N VAL B 74 -9.37 -1.96 1.47
CA VAL B 74 -8.53 -2.66 0.48
C VAL B 74 -7.16 -2.96 1.11
N ARG B 75 -6.54 -1.94 1.72
CA ARG B 75 -5.22 -2.13 2.37
C ARG B 75 -5.29 -3.09 3.56
N LEU B 76 -6.43 -3.15 4.29
CA LEU B 76 -6.66 -4.10 5.39
C LEU B 76 -6.65 -5.54 4.84
N MET B 77 -7.31 -5.78 3.70
CA MET B 77 -7.33 -7.11 3.06
C MET B 77 -5.88 -7.56 2.80
N PHE B 78 -5.07 -6.70 2.19
CA PHE B 78 -3.65 -7.01 1.90
C PHE B 78 -2.83 -7.15 3.17
N SER B 79 -2.97 -6.20 4.11
CA SER B 79 -2.26 -6.22 5.41
C SER B 79 -2.53 -7.53 6.17
N ASN B 80 -3.77 -8.02 6.17
CA ASN B 80 -4.15 -9.28 6.84
C ASN B 80 -3.35 -10.43 6.28
N CYS B 81 -3.21 -10.45 4.96
CA CYS B 81 -2.47 -11.46 4.23
C CYS B 81 -0.97 -11.40 4.57
N TYR B 82 -0.40 -10.19 4.58
CA TYR B 82 1.02 -10.02 4.96
C TYR B 82 1.29 -10.34 6.43
N LYS B 83 0.32 -10.04 7.31
CA LYS B 83 0.47 -10.27 8.74
C LYS B 83 0.42 -11.76 9.07
N TYR B 84 -0.62 -12.46 8.57
CA TYR B 84 -0.88 -13.86 8.90
C TYR B 84 0.17 -14.84 8.38
N ASN B 85 0.52 -14.71 7.11
CA ASN B 85 1.39 -15.65 6.39
C ASN B 85 2.85 -15.38 6.49
N PRO B 86 3.69 -16.45 6.38
CA PRO B 86 5.13 -16.23 6.29
C PRO B 86 5.43 -15.45 5.01
N PRO B 87 6.51 -14.62 5.01
CA PRO B 87 6.81 -13.80 3.82
C PRO B 87 6.99 -14.53 2.49
N ASP B 88 7.42 -15.80 2.53
CA ASP B 88 7.66 -16.63 1.35
C ASP B 88 6.39 -17.29 0.78
N HIS B 89 5.24 -17.16 1.46
CA HIS B 89 3.99 -17.82 1.03
C HIS B 89 3.57 -17.34 -0.37
N GLU B 90 3.12 -18.26 -1.24
CA GLU B 90 2.66 -17.89 -2.58
C GLU B 90 1.46 -16.91 -2.55
N VAL B 91 0.57 -17.03 -1.55
CA VAL B 91 -0.60 -16.14 -1.49
C VAL B 91 -0.16 -14.67 -1.23
N VAL B 92 0.98 -14.49 -0.52
CA VAL B 92 1.56 -13.16 -0.25
C VAL B 92 2.05 -12.57 -1.56
N ALA B 93 2.70 -13.40 -2.42
CA ALA B 93 3.19 -12.97 -3.75
C ALA B 93 1.98 -12.53 -4.60
N MET B 94 0.88 -13.28 -4.55
CA MET B 94 -0.34 -12.94 -5.29
C MET B 94 -0.95 -11.62 -4.76
N ALA B 95 -1.01 -11.46 -3.43
CA ALA B 95 -1.51 -10.22 -2.79
C ALA B 95 -0.71 -8.99 -3.28
N ARG B 96 0.62 -9.10 -3.35
CA ARG B 96 1.47 -7.96 -3.83
C ARG B 96 1.17 -7.61 -5.28
N LYS B 97 0.93 -8.64 -6.13
CA LYS B 97 0.60 -8.40 -7.53
C LYS B 97 -0.75 -7.69 -7.62
N LEU B 98 -1.73 -8.08 -6.78
CA LEU B 98 -3.01 -7.43 -6.79
C LEU B 98 -2.91 -6.02 -6.17
N GLN B 99 -2.07 -5.87 -5.13
CA GLN B 99 -1.83 -4.54 -4.55
C GLN B 99 -1.22 -3.58 -5.55
N ASP B 100 -0.32 -4.05 -6.47
CA ASP B 100 0.29 -3.23 -7.55
C ASP B 100 -0.88 -2.56 -8.33
N VAL B 101 -1.90 -3.39 -8.73
CA VAL B 101 -3.08 -2.97 -9.50
C VAL B 101 -3.83 -1.89 -8.71
N PHE B 102 -4.15 -2.17 -7.45
CA PHE B 102 -4.89 -1.23 -6.62
C PHE B 102 -4.16 0.09 -6.41
N GLU B 103 -2.88 0.03 -6.00
CA GLU B 103 -2.10 1.25 -5.71
C GLU B 103 -2.00 2.16 -6.92
N MET B 104 -1.80 1.60 -8.13
CA MET B 104 -1.72 2.40 -9.36
C MET B 104 -3.02 3.19 -9.55
N ARG B 105 -4.17 2.48 -9.51
CA ARG B 105 -5.49 3.09 -9.71
C ARG B 105 -5.87 4.07 -8.62
N PHE B 106 -5.62 3.69 -7.36
CA PHE B 106 -5.94 4.54 -6.20
C PHE B 106 -5.17 5.85 -6.24
N ALA B 107 -3.90 5.83 -6.67
CA ALA B 107 -3.07 7.03 -6.73
C ALA B 107 -3.53 7.98 -7.85
N LYS B 108 -4.12 7.45 -8.92
CA LYS B 108 -4.51 8.22 -10.11
C LYS B 108 -5.96 8.67 -10.12
N MET B 109 -6.69 8.40 -9.05
CA MET B 109 -8.11 8.79 -8.98
C MET B 109 -8.32 10.27 -8.61
C4 87G C . 15.28 5.50 -11.66
C5 87G C . 15.42 10.63 -8.82
C6 87G C . 14.21 5.97 -13.75
C7 87G C . 12.74 9.59 -8.31
C8 87G C . 14.65 10.08 -9.81
C10 87G C . 12.08 10.09 -10.36
C13 87G C . 14.66 7.74 -12.21
C15 87G C . 14.17 7.30 -13.42
C17 87G C . 11.95 10.47 -11.71
C20 87G C . 17.25 10.33 -5.06
C21 87G C . 10.54 9.12 -7.23
C22 87G C . 16.31 11.42 -5.54
C1 87G C . 17.40 10.39 -10.14
C2 87G C . 16.64 9.81 -11.13
C3 87G C . 15.21 6.83 -11.32
C9 87G C . 13.23 9.92 -9.55
C11 87G C . 16.78 10.79 -8.97
C12 87G C . 15.28 9.65 -10.96
C14 87G C . 14.76 5.08 -12.86
C16 87G C . 10.95 9.84 -9.63
C18 87G C . 10.73 10.53 -12.23
C19 87G C . 9.62 9.90 -10.14
N23 87G C . 11.38 9.52 -8.36
N24 87G C . 9.61 10.20 -11.49
N25 87G C . 17.61 11.34 -7.93
O26 87G C . 8.59 9.70 -9.48
O27 87G C . 18.22 13.05 -6.12
O28 87G C . 16.02 13.28 -7.38
O29 87G C . 14.58 9.10 -12.01
F30 87G C . 14.80 3.77 -13.17
F31 87G C . 13.66 8.20 -14.30
S32 87G C . 17.05 12.48 -6.77
H4 87G C . 15.69 4.78 -10.97
H5 87G C . 14.93 10.94 -7.91
H6 87G C . 13.82 5.62 -14.69
H7 87G C . 13.26 9.36 -7.39
H17 87G C . 12.81 10.70 -12.30
H1 87G C . 18.47 10.51 -10.28
H2 87G C . 17.11 9.48 -12.05
H3 87G C . 15.62 7.14 -10.36
H18 87G C . 10.56 10.80 -13.27
H24 87G C . 8.71 10.32 -11.97
H25 87G C . 18.62 11.32 -8.13
C4 87G D . -3.37 -19.66 -3.81
C5 87G D . -8.28 -18.94 -0.30
C6 87G D . -1.78 -20.59 -2.27
C7 87G D . -6.68 -16.68 0.65
C8 87G D . -6.91 -19.03 -0.09
C10 87G D . -5.33 -18.03 1.78
C13 87G D . -4.01 -20.14 -1.54
C15 87G D . -2.74 -20.60 -1.29
C17 87G D . -4.59 -19.10 2.35
C20 87G D . -11.56 -17.14 -2.38
C21 87G D . -6.07 -14.48 1.69
C22 87G D . -11.30 -17.30 -0.90
C1 87G D . -8.25 -20.94 -1.62
C2 87G D . -6.89 -21.04 -1.43
C3 87G D . -4.33 -19.67 -2.80
C9 87G D . -6.30 -18.00 0.74
C11 87G D . -8.94 -19.90 -1.04
C12 87G D . -6.24 -20.09 -0.66
C14 87G D . -2.09 -20.12 -3.53
C16 87G D . -5.14 -16.76 2.27
C18 87G D . -3.72 -18.81 3.33
C19 87G D . -4.21 -16.41 3.31
N23 87G D . -5.97 -15.94 1.56
N24 87G D . -3.53 -17.53 3.80
N25 87G D . -10.35 -19.87 -1.31
O26 87G D . -4.02 -15.28 3.73
O27 87G D . -12.75 -19.43 -0.73
O28 87G D . -11.10 -19.06 1.06
O29 87G D . -4.87 -20.23 -0.46
F30 87G D . -1.13 -20.11 -4.47
F31 87G D . -2.50 -21.08 -0.06
S32 87G D . -11.42 -18.99 -0.34
H4 87G D . -3.61 -19.28 -4.79
H5 87G D . -8.82 -18.12 0.14
H6 87G D . -0.78 -20.93 -2.07
H7 87G D . -7.39 -16.20 0.00
H17 87G D . -4.72 -20.11 2.01
H1 87G D . -8.79 -21.67 -2.20
H2 87G D . -6.34 -21.86 -1.87
H3 87G D . -5.32 -19.30 -3.02
H18 87G D . -3.13 -19.58 3.82
H24 87G D . -2.86 -17.40 4.55
H25 87G D . -10.56 -19.97 -2.31
#